data_7WPN
#
_entry.id   7WPN
#
_cell.length_a   60.487
_cell.length_b   72.053
_cell.length_c   115.488
_cell.angle_alpha   90.000
_cell.angle_beta   90.000
_cell.angle_gamma   90.000
#
_symmetry.space_group_name_H-M   'P 21 21 21'
#
loop_
_entity.id
_entity.type
_entity.pdbx_description
1 polymer 'Methionine--tRNA ligase'
2 non-polymer "ADENOSINE-5'-TRIPHOSPHATE"
3 non-polymer 1,2-ETHANEDIOL
4 non-polymer '(phenylmethyl) N-[(2R)-2-[2-(4-bromanyl-3-oxidanyl-phenyl)-5-(methylcarbamoyl)benzimidazol-1-yl]-2-(3,4-dimethoxyphenyl)ethyl]carbamate'
5 non-polymer 'ACETIC ACID'
6 water water
#
_entity_poly.entity_id   1
_entity_poly.type   'polypeptide(L)'
_entity_poly.pdbx_seq_one_letter_code
;MGSSHHHHHHSAKETFYITTPIYYPSGNLHIGHAYSTVAGDVIARYKRMQGYDVRYLTGTDEHGQKIQEKAQKAGKTEIE
YLDEMIAGIKQLWAKLEISNDDFIRTTEERHKHVVEQVFERLLKQGDIYLGEYEGWYSVPDETYYTESQLVDPQYENGKI
IGGKSPDSGHEVELVKEESYFFNISKYTDRLLEFYDQNPDFIQPPSRKNEMINNFIKPGLADLAVSRTSFNWGVHVPSNP
KHVVYVWIDALVNYISALGYLSDDESLFNKYWPADIHLMAKEIVRFHSIIWPILLMALDLPLPKKVFAHGWILMKDGKMS
KSKGNVVDPNILIDRYGLDATRYYLMRELPFGSDGVFTPEAFVERTNFDLANDLGNLVNRTISMVNKYFDGELPAYQGPL
HELDEEMEAMALETVKSYTESMESLQFSVALSTVWKFISRTNKYIDETTPWVLAKDDSQKDMLGNVMAHLVENIRYAAVL
LRPFLTHAPKEIFEQLNINNPQFMEFSSLEQYGVLNESIMVTGQPKPIFP
;
_entity_poly.pdbx_strand_id   A
#
# COMPACT_ATOMS: atom_id res chain seq x y z
N LYS A 13 -2.87 -5.48 21.72
CA LYS A 13 -3.16 -5.34 20.26
C LYS A 13 -2.50 -6.44 19.43
N GLU A 14 -3.28 -7.05 18.54
CA GLU A 14 -2.74 -7.99 17.56
C GLU A 14 -1.82 -7.24 16.61
N THR A 15 -0.73 -7.90 16.22
CA THR A 15 0.28 -7.28 15.36
C THR A 15 -0.04 -7.50 13.89
N PHE A 16 0.37 -6.57 13.05
CA PHE A 16 0.25 -6.70 11.60
C PHE A 16 1.48 -6.14 10.93
N TYR A 17 2.18 -6.97 10.17
CA TYR A 17 3.44 -6.60 9.52
C TYR A 17 3.28 -6.69 7.99
N ILE A 18 3.55 -5.56 7.33
CA ILE A 18 3.34 -5.38 5.89
C ILE A 18 4.64 -4.83 5.33
N THR A 19 5.03 -5.29 4.15
CA THR A 19 6.24 -4.82 3.48
C THR A 19 6.01 -4.56 2.00
N THR A 20 6.77 -3.60 1.46
CA THR A 20 6.97 -3.49 0.03
C THR A 20 8.32 -4.13 -0.30
N PRO A 21 8.59 -4.37 -1.60
CA PRO A 21 9.93 -4.80 -1.98
C PRO A 21 10.93 -3.67 -1.78
N ILE A 22 12.20 -4.00 -1.58
CA ILE A 22 13.25 -3.00 -1.60
C ILE A 22 13.59 -2.69 -3.05
N TYR A 23 13.63 -1.40 -3.39
CA TYR A 23 13.75 -0.97 -4.79
C TYR A 23 15.19 -0.69 -5.15
N TYR A 24 15.48 -0.77 -6.43
CA TYR A 24 16.84 -0.65 -6.93
C TYR A 24 17.06 0.79 -7.41
N PRO A 25 17.91 1.56 -6.70
CA PRO A 25 18.11 2.96 -7.09
C PRO A 25 19.22 3.13 -8.16
N SER A 26 19.04 2.42 -9.29
CA SER A 26 19.88 2.59 -10.47
C SER A 26 19.37 3.77 -11.33
N GLY A 27 18.15 4.22 -11.03
CA GLY A 27 17.59 5.43 -11.59
C GLY A 27 16.48 5.91 -10.67
N ASN A 28 15.81 6.99 -11.06
CA ASN A 28 14.73 7.55 -10.25
C ASN A 28 13.48 6.66 -10.29
N LEU A 29 12.73 6.70 -9.19
CA LEU A 29 11.50 5.93 -9.07
C LEU A 29 10.38 6.65 -9.81
N HIS A 30 9.50 5.86 -10.40
CA HIS A 30 8.37 6.32 -11.19
C HIS A 30 7.09 5.77 -10.54
N ILE A 31 5.93 6.05 -11.11
CA ILE A 31 4.65 5.71 -10.45
C ILE A 31 4.32 4.20 -10.29
N GLY A 32 5.05 3.34 -10.99
CA GLY A 32 5.05 1.90 -10.70
C GLY A 32 5.49 1.55 -9.28
N HIS A 33 6.62 2.13 -8.88
CA HIS A 33 7.14 1.98 -7.51
C HIS A 33 6.20 2.64 -6.51
N ALA A 34 5.74 3.84 -6.87
CA ALA A 34 4.74 4.57 -6.09
C ALA A 34 3.50 3.73 -5.80
N TYR A 35 3.03 2.94 -6.78
CA TYR A 35 1.85 2.12 -6.58
C TYR A 35 2.00 1.18 -5.38
N SER A 36 3.05 0.36 -5.40
CA SER A 36 3.33 -0.59 -4.32
C SER A 36 3.39 0.07 -2.94
N THR A 37 4.06 1.21 -2.86
CA THR A 37 4.22 1.94 -1.61
C THR A 37 2.92 2.59 -1.12
N VAL A 38 2.11 3.09 -2.05
CA VAL A 38 0.78 3.62 -1.70
C VAL A 38 -0.16 2.47 -1.28
N ALA A 39 -0.14 1.37 -2.05
CA ALA A 39 -0.95 0.19 -1.74
C ALA A 39 -0.59 -0.39 -0.37
N GLY A 40 0.71 -0.49 -0.09
CA GLY A 40 1.19 -0.89 1.24
C GLY A 40 0.72 0.05 2.34
N ASP A 41 0.75 1.34 2.04
CA ASP A 41 0.29 2.37 2.97
C ASP A 41 -1.23 2.34 3.22
N VAL A 42 -2.01 2.08 2.16
CA VAL A 42 -3.46 1.92 2.28
C VAL A 42 -3.79 0.78 3.26
N ILE A 43 -3.07 -0.32 3.12
CA ILE A 43 -3.26 -1.50 3.97
C ILE A 43 -2.80 -1.20 5.39
N ALA A 44 -1.67 -0.51 5.53
CA ALA A 44 -1.15 -0.13 6.85
C ALA A 44 -2.12 0.80 7.60
N ARG A 45 -2.59 1.84 6.92
CA ARG A 45 -3.53 2.81 7.52
C ARG A 45 -4.87 2.17 7.86
N TYR A 46 -5.37 1.34 6.96
CA TYR A 46 -6.61 0.59 7.19
C TYR A 46 -6.49 -0.31 8.42
N LYS A 47 -5.40 -1.06 8.51
CA LYS A 47 -5.16 -1.95 9.66
C LYS A 47 -4.94 -1.23 10.98
N ARG A 48 -4.34 -0.03 10.96
CA ARG A 48 -4.25 0.79 12.17
C ARG A 48 -5.62 1.31 12.61
N MET A 49 -6.48 1.61 11.63
CA MET A 49 -7.87 2.02 11.90
C MET A 49 -8.71 0.88 12.48
N GLN A 50 -8.37 -0.37 12.16
CA GLN A 50 -9.01 -1.54 12.78
C GLN A 50 -8.47 -1.90 14.18
N GLY A 51 -7.44 -1.20 14.65
CA GLY A 51 -6.88 -1.42 15.99
C GLY A 51 -5.74 -2.42 16.07
N TYR A 52 -5.00 -2.60 14.97
CA TYR A 52 -3.81 -3.46 14.98
C TYR A 52 -2.59 -2.65 15.38
N ASP A 53 -1.62 -3.36 15.95
CA ASP A 53 -0.28 -2.82 16.15
C ASP A 53 0.45 -3.07 14.83
N VAL A 54 0.55 -2.03 14.01
CA VAL A 54 1.06 -2.13 12.65
C VAL A 54 2.53 -1.74 12.57
N ARG A 55 3.32 -2.54 11.85
CA ARG A 55 4.62 -2.10 11.36
C ARG A 55 4.61 -2.16 9.85
N TYR A 56 5.07 -1.09 9.20
CA TYR A 56 5.10 -1.00 7.75
C TYR A 56 6.50 -0.63 7.29
N LEU A 57 7.08 -1.51 6.47
CA LEU A 57 8.47 -1.39 6.03
C LEU A 57 8.58 -1.18 4.52
N THR A 58 9.53 -0.35 4.13
CA THR A 58 9.98 -0.25 2.74
C THR A 58 11.49 -0.01 2.77
N GLY A 59 12.13 -0.05 1.60
CA GLY A 59 13.58 0.17 1.56
C GLY A 59 14.23 0.14 0.20
N THR A 60 15.54 -0.08 0.19
CA THR A 60 16.34 -0.06 -1.04
C THR A 60 17.41 -1.15 -1.09
N ASP A 61 17.55 -1.74 -2.28
CA ASP A 61 18.58 -2.71 -2.59
C ASP A 61 19.75 -1.94 -3.19
N GLU A 62 20.85 -1.87 -2.43
CA GLU A 62 21.94 -0.94 -2.72
C GLU A 62 23.24 -1.59 -3.19
N HIS A 63 23.22 -2.90 -3.44
CA HIS A 63 24.42 -3.64 -3.83
C HIS A 63 24.40 -4.05 -5.30
N GLY A 64 25.48 -4.69 -5.75
CA GLY A 64 25.61 -5.13 -7.14
C GLY A 64 26.54 -4.24 -7.94
N GLN A 65 27.08 -4.81 -9.01
CA GLN A 65 27.98 -4.09 -9.94
C GLN A 65 27.32 -2.84 -10.52
N LYS A 66 26.02 -2.93 -10.80
CA LYS A 66 25.28 -1.83 -11.43
C LYS A 66 25.29 -0.54 -10.59
N ILE A 67 25.07 -0.63 -9.28
CA ILE A 67 25.11 0.54 -8.40
C ILE A 67 26.49 1.20 -8.39
N GLN A 68 27.54 0.38 -8.30
CA GLN A 68 28.92 0.88 -8.39
C GLN A 68 29.21 1.59 -9.70
N GLU A 69 28.68 1.04 -10.79
CA GLU A 69 28.80 1.66 -12.11
C GLU A 69 28.09 3.02 -12.21
N LYS A 70 26.92 3.15 -11.59
CA LYS A 70 26.18 4.43 -11.60
C LYS A 70 26.94 5.50 -10.81
N ALA A 71 27.52 5.12 -9.67
CA ALA A 71 28.28 6.03 -8.81
C ALA A 71 29.54 6.55 -9.50
N GLN A 72 30.29 5.64 -10.13
CA GLN A 72 31.47 5.99 -10.92
C GLN A 72 31.14 7.00 -12.04
N LYS A 73 30.07 6.71 -12.77
CA LYS A 73 29.59 7.59 -13.86
C LYS A 73 29.13 8.97 -13.37
N ALA A 74 28.57 9.01 -12.18
CA ALA A 74 28.19 10.28 -11.53
C ALA A 74 29.38 11.00 -10.86
N GLY A 75 30.56 10.36 -10.84
CA GLY A 75 31.77 10.93 -10.26
C GLY A 75 31.73 10.94 -8.74
N LYS A 76 31.14 9.89 -8.16
CA LYS A 76 30.90 9.80 -6.72
C LYS A 76 31.30 8.43 -6.21
N THR A 77 31.44 8.33 -4.89
CA THR A 77 31.62 7.04 -4.25
C THR A 77 30.25 6.36 -4.21
N GLU A 78 30.25 5.08 -3.82
CA GLU A 78 29.04 4.27 -3.84
C GLU A 78 28.02 4.77 -2.81
N ILE A 79 28.47 5.03 -1.58
CA ILE A 79 27.58 5.55 -0.52
C ILE A 79 27.17 7.00 -0.78
N GLU A 80 28.08 7.82 -1.33
CA GLU A 80 27.76 9.20 -1.71
C GLU A 80 26.60 9.23 -2.70
N TYR A 81 26.72 8.43 -3.75
CA TYR A 81 25.67 8.27 -4.75
C TYR A 81 24.40 7.71 -4.12
N LEU A 82 24.54 6.63 -3.34
CA LEU A 82 23.39 5.96 -2.72
C LEU A 82 22.64 6.89 -1.75
N ASP A 83 23.35 7.66 -0.94
CA ASP A 83 22.73 8.60 0.01
C ASP A 83 21.89 9.69 -0.70
N GLU A 84 22.37 10.16 -1.84
CA GLU A 84 21.62 11.14 -2.65
C GLU A 84 20.36 10.53 -3.25
N MET A 85 20.48 9.33 -3.83
CA MET A 85 19.32 8.62 -4.38
C MET A 85 18.30 8.29 -3.30
N ILE A 86 18.78 7.79 -2.16
CA ILE A 86 17.91 7.44 -1.02
C ILE A 86 17.24 8.69 -0.41
N ALA A 87 17.95 9.82 -0.37
CA ALA A 87 17.36 11.09 0.08
C ALA A 87 16.14 11.46 -0.78
N GLY A 88 16.29 11.36 -2.11
CA GLY A 88 15.21 11.60 -3.06
C GLY A 88 14.04 10.63 -2.92
N ILE A 89 14.35 9.36 -2.67
CA ILE A 89 13.32 8.33 -2.45
C ILE A 89 12.57 8.58 -1.13
N LYS A 90 13.31 8.92 -0.08
CA LYS A 90 12.68 9.27 1.21
C LYS A 90 11.82 10.52 1.12
N GLN A 91 12.34 11.55 0.45
CA GLN A 91 11.55 12.76 0.12
C GLN A 91 10.27 12.42 -0.62
N LEU A 92 10.35 11.54 -1.61
CA LEU A 92 9.17 11.13 -2.37
C LEU A 92 8.11 10.47 -1.46
N TRP A 93 8.54 9.56 -0.60
CA TRP A 93 7.62 8.89 0.34
C TRP A 93 7.02 9.85 1.38
N ALA A 94 7.82 10.82 1.81
CA ALA A 94 7.32 11.89 2.70
C ALA A 94 6.28 12.77 1.98
N LYS A 95 6.49 13.00 0.69
CA LYS A 95 5.54 13.73 -0.18
C LYS A 95 4.24 12.98 -0.42
N LEU A 96 4.34 11.67 -0.59
CA LEU A 96 3.17 10.80 -0.74
C LEU A 96 2.45 10.52 0.59
N GLU A 97 3.02 10.98 1.70
CA GLU A 97 2.53 10.73 3.05
C GLU A 97 2.36 9.23 3.31
N ILE A 98 3.44 8.52 2.98
CA ILE A 98 3.59 7.11 3.22
C ILE A 98 3.88 6.97 4.72
N SER A 99 3.13 6.10 5.40
CA SER A 99 3.23 5.96 6.86
C SER A 99 4.16 4.80 7.26
N ASN A 100 5.30 4.67 6.59
CA ASN A 100 6.24 3.58 6.87
C ASN A 100 6.96 3.84 8.18
N ASP A 101 7.03 2.82 9.04
CA ASP A 101 7.63 2.94 10.36
C ASP A 101 9.16 2.92 10.33
N ASP A 102 9.74 2.45 9.22
CA ASP A 102 11.18 2.32 9.08
C ASP A 102 11.52 2.28 7.58
N PHE A 103 12.79 2.50 7.28
CA PHE A 103 13.32 2.42 5.94
C PHE A 103 14.60 1.57 5.99
N ILE A 104 14.56 0.39 5.36
CA ILE A 104 15.69 -0.55 5.37
C ILE A 104 16.63 -0.32 4.18
N ARG A 105 17.92 -0.22 4.47
CA ARG A 105 18.97 -0.07 3.46
C ARG A 105 19.96 -1.21 3.60
N THR A 106 20.30 -1.87 2.50
CA THR A 106 21.22 -3.00 2.56
C THR A 106 22.67 -2.62 2.77
N THR A 107 23.01 -1.33 2.63
CA THR A 107 24.31 -0.80 3.07
C THR A 107 24.47 -0.62 4.58
N GLU A 108 23.36 -0.66 5.32
CA GLU A 108 23.41 -0.52 6.78
C GLU A 108 24.00 -1.76 7.42
N GLU A 109 24.75 -1.55 8.49
CA GLU A 109 25.43 -2.61 9.23
C GLU A 109 24.45 -3.57 9.91
N ARG A 110 23.29 -3.07 10.32
CA ARG A 110 22.21 -3.94 10.81
C ARG A 110 21.77 -4.99 9.78
N HIS A 111 21.79 -4.61 8.50
CA HIS A 111 21.51 -5.55 7.41
C HIS A 111 22.70 -6.45 7.09
N LYS A 112 23.87 -5.84 6.91
CA LYS A 112 25.09 -6.57 6.50
C LYS A 112 25.46 -7.67 7.49
N HIS A 113 25.25 -7.40 8.76
CA HIS A 113 25.47 -8.37 9.83
C HIS A 113 24.63 -9.64 9.66
N VAL A 114 23.36 -9.47 9.29
CA VAL A 114 22.44 -10.58 9.09
C VAL A 114 22.82 -11.40 7.86
N VAL A 115 23.15 -10.72 6.76
CA VAL A 115 23.55 -11.38 5.52
C VAL A 115 24.80 -12.24 5.80
N GLU A 116 25.76 -11.65 6.48
CA GLU A 116 26.99 -12.33 6.92
C GLU A 116 26.72 -13.56 7.79
N GLN A 117 25.96 -13.36 8.87
CA GLN A 117 25.63 -14.47 9.78
C GLN A 117 24.83 -15.57 9.10
N VAL A 118 23.84 -15.19 8.28
CA VAL A 118 23.00 -16.16 7.57
C VAL A 118 23.80 -16.98 6.56
N PHE A 119 24.70 -16.32 5.82
CA PHE A 119 25.53 -17.01 4.82
C PHE A 119 26.51 -17.98 5.46
N GLU A 120 27.10 -17.58 6.58
CA GLU A 120 28.02 -18.43 7.35
C GLU A 120 27.32 -19.59 8.05
N ARG A 121 26.06 -19.39 8.44
CA ARG A 121 25.26 -20.47 9.01
C ARG A 121 24.98 -21.56 7.97
N LEU A 122 24.44 -21.16 6.82
CA LEU A 122 24.17 -22.11 5.72
C LEU A 122 25.42 -22.88 5.28
N LEU A 123 26.57 -22.21 5.33
CA LEU A 123 27.89 -22.80 5.05
C LEU A 123 28.22 -23.93 6.04
N LYS A 124 28.06 -23.61 7.31
CA LYS A 124 28.28 -24.53 8.44
C LYS A 124 27.34 -25.74 8.41
N GLN A 125 26.08 -25.51 8.03
CA GLN A 125 25.06 -26.56 7.95
C GLN A 125 25.18 -27.47 6.71
N GLY A 126 26.06 -27.10 5.78
CA GLY A 126 26.23 -27.82 4.52
C GLY A 126 25.21 -27.46 3.45
N ASP A 127 24.36 -26.46 3.71
CA ASP A 127 23.36 -26.00 2.74
C ASP A 127 24.03 -25.37 1.52
N ILE A 128 25.17 -24.73 1.76
CA ILE A 128 25.95 -24.02 0.74
C ILE A 128 27.26 -24.77 0.50
N TYR A 129 27.63 -24.95 -0.78
CA TYR A 129 28.93 -25.54 -1.15
C TYR A 129 29.62 -24.76 -2.28
N LEU A 130 30.95 -24.81 -2.29
CA LEU A 130 31.73 -24.10 -3.29
C LEU A 130 31.77 -24.87 -4.62
N GLY A 131 31.59 -24.14 -5.72
CA GLY A 131 31.61 -24.71 -7.07
C GLY A 131 31.80 -23.65 -8.12
N GLU A 132 31.50 -23.99 -9.37
CA GLU A 132 31.56 -23.04 -10.48
C GLU A 132 30.26 -23.02 -11.29
N TYR A 133 29.90 -21.80 -11.69
CA TYR A 133 28.77 -21.57 -12.60
C TYR A 133 29.29 -21.43 -14.03
N LEU A 174 29.45 -16.77 -22.67
CA LEU A 174 29.69 -17.68 -21.55
C LEU A 174 29.79 -16.95 -20.20
N VAL A 175 28.93 -17.33 -19.26
CA VAL A 175 29.00 -16.87 -17.87
C VAL A 175 29.73 -17.94 -17.06
N LYS A 176 31.01 -17.72 -16.78
CA LYS A 176 31.89 -18.71 -16.18
C LYS A 176 32.63 -18.09 -14.97
N GLU A 177 32.08 -18.32 -13.78
CA GLU A 177 32.66 -17.79 -12.55
C GLU A 177 32.31 -18.63 -11.34
N GLU A 178 33.15 -18.56 -10.32
CA GLU A 178 32.99 -19.33 -9.09
C GLU A 178 31.82 -18.80 -8.28
N SER A 179 31.12 -19.71 -7.62
CA SER A 179 29.97 -19.36 -6.81
C SER A 179 29.70 -20.40 -5.74
N TYR A 180 29.14 -19.95 -4.62
CA TYR A 180 28.58 -20.84 -3.64
C TYR A 180 27.18 -21.23 -4.10
N PHE A 181 26.81 -22.48 -3.85
CA PHE A 181 25.57 -23.07 -4.35
C PHE A 181 24.68 -23.55 -3.20
N PHE A 182 23.42 -23.12 -3.24
CA PHE A 182 22.44 -23.42 -2.20
C PHE A 182 21.58 -24.61 -2.65
N ASN A 183 21.68 -25.71 -1.90
CA ASN A 183 20.90 -26.92 -2.16
C ASN A 183 19.46 -26.69 -1.66
N ILE A 184 18.58 -26.33 -2.60
CA ILE A 184 17.18 -25.99 -2.29
C ILE A 184 16.17 -27.10 -2.58
N SER A 185 16.54 -28.11 -3.38
CA SER A 185 15.63 -29.21 -3.72
C SER A 185 15.20 -30.07 -2.52
N LYS A 186 16.06 -30.16 -1.50
CA LYS A 186 15.73 -30.94 -0.28
C LYS A 186 14.56 -30.36 0.54
N TYR A 187 14.19 -29.10 0.28
CA TYR A 187 13.03 -28.45 0.90
C TYR A 187 11.74 -28.53 0.06
N THR A 188 11.76 -29.26 -1.06
CA THR A 188 10.64 -29.29 -2.03
C THR A 188 9.30 -29.77 -1.44
N ASP A 189 9.29 -31.00 -0.90
CA ASP A 189 8.07 -31.56 -0.28
C ASP A 189 7.55 -30.69 0.85
N ARG A 190 8.47 -30.13 1.62
CA ARG A 190 8.15 -29.21 2.72
C ARG A 190 7.43 -27.96 2.21
N LEU A 191 7.92 -27.42 1.09
CA LEU A 191 7.30 -26.26 0.45
C LEU A 191 5.90 -26.57 -0.07
N LEU A 192 5.79 -27.66 -0.83
CA LEU A 192 4.50 -28.10 -1.38
C LEU A 192 3.50 -28.48 -0.29
N GLU A 193 3.99 -29.07 0.80
CA GLU A 193 3.17 -29.33 1.99
C GLU A 193 2.62 -28.03 2.60
N PHE A 194 3.48 -27.03 2.67
CA PHE A 194 3.11 -25.69 3.19
C PHE A 194 2.06 -25.01 2.31
N TYR A 195 2.16 -25.15 0.99
CA TYR A 195 1.12 -24.66 0.07
C TYR A 195 -0.24 -25.32 0.31
N ASP A 196 -0.23 -26.63 0.55
CA ASP A 196 -1.46 -27.39 0.86
C ASP A 196 -2.14 -26.91 2.15
N GLN A 197 -1.34 -26.66 3.18
CA GLN A 197 -1.85 -26.21 4.48
C GLN A 197 -2.16 -24.71 4.52
N ASN A 198 -1.66 -23.96 3.53
CA ASN A 198 -1.90 -22.51 3.41
C ASN A 198 -2.36 -22.19 1.99
N PRO A 199 -3.63 -22.51 1.65
CA PRO A 199 -4.12 -22.31 0.28
C PRO A 199 -4.24 -20.85 -0.18
N ASP A 200 -4.32 -19.89 0.76
CA ASP A 200 -4.37 -18.46 0.42
C ASP A 200 -2.99 -17.78 0.48
N PHE A 201 -1.91 -18.57 0.50
CA PHE A 201 -0.54 -18.04 0.64
C PHE A 201 -0.14 -17.11 -0.51
N ILE A 202 -0.37 -17.53 -1.76
CA ILE A 202 -0.14 -16.66 -2.92
C ILE A 202 -1.46 -15.99 -3.31
N GLN A 203 -1.40 -14.67 -3.47
CA GLN A 203 -2.50 -13.88 -4.01
C GLN A 203 -1.98 -13.13 -5.25
N PRO A 204 -2.66 -13.18 -6.39
CA PRO A 204 -3.89 -13.97 -6.62
C PRO A 204 -3.63 -15.50 -6.64
N PRO A 205 -4.64 -16.31 -6.26
CA PRO A 205 -4.48 -17.78 -6.24
C PRO A 205 -4.04 -18.44 -7.55
N SER A 206 -4.31 -17.80 -8.69
CA SER A 206 -3.84 -18.26 -10.01
C SER A 206 -2.34 -18.53 -10.06
N ARG A 207 -1.56 -17.60 -9.50
CA ARG A 207 -0.10 -17.66 -9.60
C ARG A 207 0.57 -18.78 -8.77
N LYS A 208 -0.13 -19.34 -7.78
CA LYS A 208 0.39 -20.50 -7.03
C LYS A 208 0.58 -21.72 -7.92
N ASN A 209 -0.41 -22.01 -8.76
CA ASN A 209 -0.35 -23.17 -9.64
C ASN A 209 0.65 -22.97 -10.79
N GLU A 210 0.98 -21.72 -11.12
CA GLU A 210 2.11 -21.41 -12.01
C GLU A 210 3.46 -21.73 -11.36
N MET A 211 3.62 -21.40 -10.07
CA MET A 211 4.86 -21.69 -9.33
C MET A 211 5.19 -23.17 -9.41
N ILE A 212 4.22 -23.98 -9.01
CA ILE A 212 4.39 -25.42 -8.91
C ILE A 212 4.70 -26.02 -10.29
N ASN A 213 3.96 -25.59 -11.31
CA ASN A 213 4.10 -26.16 -12.65
C ASN A 213 5.37 -25.74 -13.39
N ASN A 214 5.72 -24.45 -13.32
CA ASN A 214 6.82 -23.90 -14.11
C ASN A 214 8.21 -23.99 -13.46
N PHE A 215 8.29 -24.00 -12.13
CA PHE A 215 9.58 -23.98 -11.43
C PHE A 215 9.87 -25.17 -10.51
N ILE A 216 8.85 -25.71 -9.87
CA ILE A 216 9.01 -26.77 -8.87
C ILE A 216 8.96 -28.16 -9.51
N LYS A 217 7.95 -28.38 -10.36
CA LYS A 217 7.75 -29.67 -11.05
C LYS A 217 8.96 -30.12 -11.89
N PRO A 218 9.57 -29.20 -12.66
CA PRO A 218 10.84 -29.55 -13.33
C PRO A 218 11.95 -29.93 -12.35
N GLY A 219 12.00 -29.25 -11.22
CA GLY A 219 12.96 -29.53 -10.15
C GLY A 219 13.77 -28.28 -9.89
N LEU A 220 13.94 -27.94 -8.63
CA LEU A 220 14.67 -26.74 -8.23
C LEU A 220 16.17 -27.03 -8.29
N ALA A 221 16.86 -26.39 -9.22
CA ALA A 221 18.31 -26.54 -9.35
C ALA A 221 19.00 -25.84 -8.19
N ASP A 222 20.24 -26.25 -7.91
CA ASP A 222 21.03 -25.63 -6.84
C ASP A 222 21.30 -24.16 -7.19
N LEU A 223 20.90 -23.26 -6.29
CA LEU A 223 20.88 -21.81 -6.55
C LEU A 223 22.25 -21.19 -6.33
N ALA A 224 22.75 -20.46 -7.33
CA ALA A 224 24.04 -19.77 -7.22
C ALA A 224 23.87 -18.51 -6.39
N VAL A 225 24.45 -18.50 -5.18
CA VAL A 225 24.19 -17.43 -4.20
C VAL A 225 25.39 -16.51 -3.91
N SER A 226 26.44 -16.60 -4.72
CA SER A 226 27.56 -15.68 -4.61
C SER A 226 28.21 -15.45 -5.96
N ARG A 227 28.99 -14.38 -6.07
CA ARG A 227 29.78 -14.10 -7.27
C ARG A 227 31.17 -13.65 -6.88
N THR A 228 32.13 -13.84 -7.79
CA THR A 228 33.48 -13.31 -7.64
C THR A 228 33.81 -12.24 -8.70
N SER A 229 32.89 -11.99 -9.63
CA SER A 229 33.11 -11.05 -10.74
C SER A 229 32.78 -9.59 -10.40
N PHE A 230 32.19 -9.34 -9.22
CA PHE A 230 32.02 -7.96 -8.73
C PHE A 230 32.39 -7.86 -7.25
N ASN A 231 32.66 -6.63 -6.82
CA ASN A 231 33.12 -6.35 -5.46
C ASN A 231 32.17 -5.49 -4.61
N TRP A 232 31.25 -4.76 -5.24
CA TRP A 232 30.29 -3.94 -4.48
C TRP A 232 29.13 -4.77 -3.94
N GLY A 233 29.33 -5.28 -2.72
CA GLY A 233 28.32 -6.04 -2.01
C GLY A 233 28.87 -6.63 -0.74
N VAL A 234 28.05 -7.41 -0.04
CA VAL A 234 28.47 -8.04 1.22
C VAL A 234 29.42 -9.20 0.92
N HIS A 235 30.69 -9.06 1.32
CA HIS A 235 31.68 -10.11 1.16
C HIS A 235 31.45 -11.23 2.16
N VAL A 236 31.62 -12.47 1.71
CA VAL A 236 31.49 -13.66 2.55
C VAL A 236 32.64 -13.65 3.56
N PRO A 237 32.34 -13.62 4.87
CA PRO A 237 33.41 -13.60 5.89
C PRO A 237 34.46 -14.72 5.74
N SER A 238 33.99 -15.94 5.49
CA SER A 238 34.85 -17.10 5.25
C SER A 238 35.73 -16.99 4.01
N ASN A 239 35.23 -16.35 2.95
CA ASN A 239 35.88 -16.40 1.64
C ASN A 239 35.61 -15.09 0.88
N PRO A 240 36.26 -13.98 1.31
CA PRO A 240 36.01 -12.58 0.91
C PRO A 240 36.04 -12.25 -0.59
N LYS A 241 36.72 -13.05 -1.41
CA LYS A 241 36.68 -12.84 -2.86
C LYS A 241 35.28 -13.09 -3.42
N HIS A 242 34.49 -13.93 -2.73
CA HIS A 242 33.06 -14.06 -3.02
C HIS A 242 32.27 -12.92 -2.39
N VAL A 243 31.25 -12.47 -3.11
CA VAL A 243 30.31 -11.48 -2.62
C VAL A 243 28.93 -12.12 -2.67
N VAL A 244 28.10 -11.86 -1.65
CA VAL A 244 26.77 -12.43 -1.58
C VAL A 244 25.94 -11.82 -2.70
N TYR A 245 25.28 -12.68 -3.49
CA TYR A 245 24.47 -12.23 -4.60
C TYR A 245 23.07 -11.77 -4.10
N VAL A 246 22.29 -11.20 -4.99
CA VAL A 246 20.96 -10.61 -4.67
C VAL A 246 19.99 -11.50 -3.87
N TRP A 247 20.02 -12.82 -4.09
CA TRP A 247 19.03 -13.73 -3.52
C TRP A 247 18.96 -13.63 -1.99
N ILE A 248 20.06 -13.92 -1.31
CA ILE A 248 20.11 -13.83 0.16
C ILE A 248 20.10 -12.38 0.62
N ASP A 249 20.87 -11.53 -0.06
CA ASP A 249 21.09 -10.14 0.34
C ASP A 249 19.79 -9.33 0.39
N ALA A 250 19.04 -9.34 -0.71
CA ALA A 250 17.80 -8.57 -0.80
C ALA A 250 16.69 -9.14 0.08
N LEU A 251 16.52 -10.47 0.06
CA LEU A 251 15.39 -11.12 0.77
C LEU A 251 15.40 -10.95 2.29
N VAL A 252 16.57 -10.98 2.92
CA VAL A 252 16.66 -10.87 4.39
C VAL A 252 16.42 -9.46 4.97
N ASN A 253 16.16 -8.45 4.12
CA ASN A 253 15.82 -7.09 4.59
C ASN A 253 14.59 -7.09 5.52
N TYR A 254 13.63 -7.97 5.20
CA TYR A 254 12.37 -8.08 5.94
C TYR A 254 12.56 -8.47 7.41
N ILE A 255 13.63 -9.21 7.70
CA ILE A 255 13.96 -9.63 9.06
C ILE A 255 15.14 -8.87 9.67
N SER A 256 16.10 -8.44 8.84
CA SER A 256 17.22 -7.61 9.34
C SER A 256 16.75 -6.26 9.89
N ALA A 257 15.73 -5.68 9.26
CA ALA A 257 15.11 -4.43 9.72
C ALA A 257 14.41 -4.53 11.09
N LEU A 258 14.04 -5.75 11.48
CA LEU A 258 13.44 -6.02 12.79
C LEU A 258 14.47 -6.42 13.85
N GLY A 259 15.76 -6.33 13.53
CA GLY A 259 16.84 -6.62 14.46
C GLY A 259 17.15 -8.09 14.69
N TYR A 260 16.82 -8.94 13.71
CA TYR A 260 17.15 -10.37 13.73
C TYR A 260 18.67 -10.57 13.88
N LEU A 261 19.07 -11.43 14.83
CA LEU A 261 20.47 -11.68 15.21
C LEU A 261 21.23 -10.49 15.82
N SER A 262 20.51 -9.46 16.27
CA SER A 262 21.09 -8.35 17.02
C SER A 262 20.94 -8.68 18.49
N ASP A 263 21.41 -7.78 19.36
CA ASP A 263 21.26 -7.94 20.81
C ASP A 263 19.86 -7.56 21.31
N ASP A 264 19.06 -6.92 20.46
CA ASP A 264 17.65 -6.62 20.74
C ASP A 264 16.79 -7.07 19.56
N GLU A 265 16.11 -8.20 19.75
CA GLU A 265 15.27 -8.81 18.73
C GLU A 265 13.78 -8.57 18.98
N SER A 266 13.44 -7.50 19.71
CA SER A 266 12.06 -7.25 20.15
C SER A 266 11.10 -7.00 18.99
N LEU A 267 11.53 -6.22 18.00
CA LEU A 267 10.73 -5.98 16.80
C LEU A 267 10.50 -7.27 16.02
N PHE A 268 11.52 -8.12 15.99
CA PHE A 268 11.46 -9.40 15.28
C PHE A 268 10.45 -10.38 15.90
N ASN A 269 10.52 -10.53 17.21
CA ASN A 269 9.60 -11.44 17.92
C ASN A 269 8.18 -10.89 18.04
N LYS A 270 8.03 -9.58 17.90
CA LYS A 270 6.72 -8.93 17.90
C LYS A 270 6.03 -9.02 16.54
N TYR A 271 6.77 -8.74 15.46
CA TYR A 271 6.18 -8.58 14.12
C TYR A 271 6.35 -9.73 13.13
N TRP A 272 7.45 -10.49 13.23
CA TRP A 272 7.66 -11.65 12.35
C TRP A 272 6.82 -12.84 12.88
N PRO A 273 6.11 -13.59 12.02
CA PRO A 273 6.13 -13.49 10.56
C PRO A 273 5.29 -12.39 9.93
N ALA A 274 5.73 -11.96 8.74
CA ALA A 274 5.03 -10.95 7.96
C ALA A 274 3.65 -11.44 7.57
N ASP A 275 2.64 -10.61 7.79
CA ASP A 275 1.27 -10.92 7.39
C ASP A 275 1.13 -10.87 5.87
N ILE A 276 1.82 -9.92 5.26
CA ILE A 276 1.68 -9.66 3.84
C ILE A 276 2.97 -9.07 3.25
N HIS A 277 3.54 -9.77 2.28
CA HIS A 277 4.61 -9.23 1.44
C HIS A 277 3.94 -8.83 0.14
N LEU A 278 4.03 -7.55 -0.23
CA LEU A 278 3.51 -7.14 -1.53
C LEU A 278 4.60 -6.82 -2.55
N MET A 279 4.24 -6.91 -3.82
CA MET A 279 5.18 -6.83 -4.93
C MET A 279 4.43 -6.83 -6.25
N ALA A 280 5.13 -6.51 -7.34
CA ALA A 280 4.62 -6.77 -8.68
C ALA A 280 4.90 -8.24 -9.01
N LYS A 281 4.14 -8.76 -9.97
CA LYS A 281 4.13 -10.19 -10.28
C LYS A 281 5.47 -10.84 -10.68
N GLU A 282 6.39 -10.05 -11.22
CA GLU A 282 7.67 -10.61 -11.70
C GLU A 282 8.71 -11.01 -10.63
N ILE A 283 8.48 -10.69 -9.34
CA ILE A 283 9.37 -11.17 -8.25
C ILE A 283 8.65 -12.08 -7.24
N VAL A 284 7.65 -12.81 -7.72
CA VAL A 284 6.82 -13.67 -6.86
C VAL A 284 7.49 -14.99 -6.52
N ARG A 285 8.31 -15.51 -7.43
CA ARG A 285 8.95 -16.80 -7.18
C ARG A 285 10.14 -16.75 -6.21
N PHE A 286 10.89 -15.63 -6.22
N PHE A 286 10.85 -15.62 -6.15
CA PHE A 286 11.79 -15.22 -5.10
CA PHE A 286 11.84 -15.42 -5.11
C PHE A 286 11.13 -15.48 -3.77
C PHE A 286 11.19 -15.34 -3.73
N HIS A 287 9.93 -14.92 -3.69
CA HIS A 287 9.16 -14.74 -2.47
C HIS A 287 8.28 -15.92 -2.11
N SER A 288 7.88 -16.71 -3.11
CA SER A 288 7.05 -17.91 -2.92
C SER A 288 7.87 -19.18 -2.79
N ILE A 289 9.07 -19.21 -3.38
CA ILE A 289 9.91 -20.40 -3.41
C ILE A 289 11.20 -20.20 -2.63
N ILE A 290 12.06 -19.30 -3.08
CA ILE A 290 13.40 -19.12 -2.49
C ILE A 290 13.33 -18.58 -1.05
N TRP A 291 12.42 -17.64 -0.81
CA TRP A 291 12.30 -16.99 0.49
C TRP A 291 11.86 -17.96 1.60
N PRO A 292 10.76 -18.72 1.40
CA PRO A 292 10.40 -19.69 2.44
C PRO A 292 11.39 -20.85 2.62
N ILE A 293 12.09 -21.25 1.55
CA ILE A 293 13.16 -22.25 1.64
C ILE A 293 14.32 -21.76 2.52
N LEU A 294 14.73 -20.50 2.33
CA LEU A 294 15.76 -19.87 3.18
C LEU A 294 15.29 -19.78 4.62
N LEU A 295 14.02 -19.45 4.83
CA LEU A 295 13.42 -19.40 6.17
C LEU A 295 13.37 -20.78 6.84
N MET A 296 13.15 -21.84 6.06
CA MET A 296 13.25 -23.21 6.55
C MET A 296 14.66 -23.56 7.00
N ALA A 297 15.66 -23.19 6.20
CA ALA A 297 17.07 -23.45 6.53
C ALA A 297 17.55 -22.71 7.79
N LEU A 298 16.90 -21.59 8.10
CA LEU A 298 17.14 -20.83 9.34
C LEU A 298 16.20 -21.23 10.49
N ASP A 299 15.37 -22.25 10.26
CA ASP A 299 14.33 -22.66 11.20
C ASP A 299 13.47 -21.48 11.68
N LEU A 300 12.98 -20.72 10.70
CA LEU A 300 12.17 -19.53 10.98
C LEU A 300 10.74 -19.70 10.45
N PRO A 301 9.76 -19.04 11.12
CA PRO A 301 8.37 -19.07 10.62
C PRO A 301 8.24 -18.41 9.26
N LEU A 302 7.40 -19.00 8.40
CA LEU A 302 7.20 -18.50 7.04
C LEU A 302 6.14 -17.39 7.03
N PRO A 303 6.19 -16.50 6.02
CA PRO A 303 5.19 -15.43 5.95
C PRO A 303 3.80 -15.98 5.64
N LYS A 304 2.77 -15.24 6.03
CA LYS A 304 1.38 -15.69 5.91
C LYS A 304 0.86 -15.56 4.49
N LYS A 305 1.30 -14.52 3.78
CA LYS A 305 0.73 -14.17 2.48
C LYS A 305 1.74 -13.41 1.61
N VAL A 306 1.77 -13.73 0.33
CA VAL A 306 2.50 -12.93 -0.66
C VAL A 306 1.47 -12.42 -1.67
N PHE A 307 1.38 -11.10 -1.82
CA PHE A 307 0.47 -10.49 -2.79
C PHE A 307 1.25 -9.95 -3.96
N ALA A 308 0.89 -10.40 -5.15
CA ALA A 308 1.51 -9.97 -6.37
C ALA A 308 0.49 -9.24 -7.22
N HIS A 309 0.46 -7.92 -7.06
CA HIS A 309 -0.40 -7.07 -7.88
C HIS A 309 0.13 -6.96 -9.32
N GLY A 310 -0.71 -6.41 -10.19
CA GLY A 310 -0.35 -6.22 -11.59
C GLY A 310 0.52 -5.01 -11.82
N TRP A 311 0.73 -4.68 -13.10
CA TRP A 311 1.53 -3.52 -13.49
C TRP A 311 0.68 -2.32 -13.83
N ILE A 312 1.26 -1.14 -13.60
CA ILE A 312 0.77 0.09 -14.17
C ILE A 312 1.35 0.19 -15.58
N LEU A 313 0.48 0.05 -16.59
CA LEU A 313 0.86 0.13 -18.00
C LEU A 313 0.80 1.56 -18.50
N MET A 314 1.60 1.83 -19.52
CA MET A 314 1.44 2.97 -20.40
C MET A 314 0.90 2.43 -21.72
N LYS A 315 0.70 3.33 -22.69
CA LYS A 315 0.23 2.92 -24.03
C LYS A 315 1.08 1.80 -24.64
N ASP A 316 2.39 1.86 -24.40
CA ASP A 316 3.35 0.86 -24.90
C ASP A 316 3.68 -0.27 -23.89
N GLY A 317 2.78 -0.54 -22.95
CA GLY A 317 2.96 -1.61 -21.96
C GLY A 317 3.56 -1.15 -20.65
N LYS A 318 4.27 -2.05 -19.98
CA LYS A 318 4.71 -1.84 -18.58
C LYS A 318 5.56 -0.60 -18.40
N MET A 319 5.23 0.21 -17.38
CA MET A 319 6.05 1.35 -17.02
C MET A 319 7.38 0.85 -16.49
N SER A 320 8.47 1.33 -17.09
CA SER A 320 9.80 0.87 -16.74
C SER A 320 10.85 1.89 -17.16
N LYS A 321 11.96 1.92 -16.44
CA LYS A 321 13.05 2.85 -16.71
C LYS A 321 13.68 2.62 -18.10
N SER A 322 13.64 1.36 -18.58
CA SER A 322 14.25 0.95 -19.86
C SER A 322 13.39 1.10 -21.12
N LYS A 323 12.07 1.23 -20.97
CA LYS A 323 11.18 1.52 -22.12
C LYS A 323 10.98 3.01 -22.35
N GLY A 324 11.43 3.85 -21.41
CA GLY A 324 11.27 5.29 -21.51
C GLY A 324 9.80 5.71 -21.53
N ASN A 325 9.00 5.09 -20.68
CA ASN A 325 7.57 5.38 -20.59
C ASN A 325 7.25 5.76 -19.15
N VAL A 326 8.15 6.55 -18.57
CA VAL A 326 8.15 6.84 -17.14
C VAL A 326 7.27 8.06 -16.89
N VAL A 327 6.44 7.97 -15.84
CA VAL A 327 5.74 9.11 -15.28
C VAL A 327 6.30 9.33 -13.88
N ASP A 328 6.84 10.53 -13.65
CA ASP A 328 7.45 10.88 -12.38
C ASP A 328 6.33 11.29 -11.39
N PRO A 329 6.22 10.60 -10.24
CA PRO A 329 5.17 10.92 -9.26
C PRO A 329 5.23 12.35 -8.72
N ASN A 330 6.44 12.88 -8.56
CA ASN A 330 6.65 14.28 -8.15
C ASN A 330 5.86 15.29 -8.99
N ILE A 331 5.85 15.08 -10.31
CA ILE A 331 5.13 15.96 -11.24
C ILE A 331 3.62 15.91 -11.01
N LEU A 332 3.06 14.70 -10.97
CA LEU A 332 1.62 14.51 -10.73
C LEU A 332 1.15 15.12 -9.42
N ILE A 333 1.97 14.98 -8.38
CA ILE A 333 1.65 15.51 -7.05
C ILE A 333 1.70 17.05 -7.05
N ASP A 334 2.76 17.62 -7.63
CA ASP A 334 2.95 19.08 -7.66
C ASP A 334 1.83 19.83 -8.39
N ARG A 335 1.28 19.21 -9.43
CA ARG A 335 0.29 19.85 -10.29
C ARG A 335 -1.16 19.58 -9.89
N TYR A 336 -1.45 18.32 -9.55
CA TYR A 336 -2.81 17.88 -9.27
C TYR A 336 -3.08 17.57 -7.80
N GLY A 337 -2.05 17.63 -6.96
CA GLY A 337 -2.18 17.36 -5.53
C GLY A 337 -1.90 15.91 -5.19
N LEU A 338 -1.78 15.66 -3.89
CA LEU A 338 -1.43 14.35 -3.36
C LEU A 338 -2.58 13.35 -3.49
N ASP A 339 -3.77 13.77 -3.09
CA ASP A 339 -4.95 12.88 -3.10
C ASP A 339 -5.28 12.36 -4.50
N ALA A 340 -5.17 13.23 -5.51
CA ALA A 340 -5.41 12.84 -6.91
C ALA A 340 -4.46 11.73 -7.36
N THR A 341 -3.19 11.87 -6.99
CA THR A 341 -2.15 10.90 -7.29
C THR A 341 -2.42 9.56 -6.58
N ARG A 342 -2.64 9.62 -5.28
CA ARG A 342 -2.94 8.42 -4.47
C ARG A 342 -4.22 7.72 -4.93
N TYR A 343 -5.26 8.51 -5.22
CA TYR A 343 -6.54 7.98 -5.68
C TYR A 343 -6.45 7.27 -7.03
N TYR A 344 -5.83 7.93 -8.01
CA TYR A 344 -5.69 7.35 -9.35
C TYR A 344 -5.00 5.98 -9.32
N LEU A 345 -3.90 5.90 -8.57
CA LEU A 345 -3.12 4.65 -8.46
C LEU A 345 -3.97 3.48 -7.94
N MET A 346 -4.65 3.69 -6.83
CA MET A 346 -5.42 2.62 -6.17
C MET A 346 -6.72 2.27 -6.90
N ARG A 347 -7.34 3.27 -7.52
CA ARG A 347 -8.59 3.07 -8.25
C ARG A 347 -8.43 2.35 -9.61
N GLU A 348 -7.25 2.44 -10.23
CA GLU A 348 -7.07 2.02 -11.63
C GLU A 348 -6.38 0.66 -11.86
N LEU A 349 -5.89 0.02 -10.80
CA LEU A 349 -5.26 -1.29 -10.90
C LEU A 349 -6.11 -2.32 -10.13
N PRO A 350 -6.93 -3.11 -10.85
CA PRO A 350 -7.76 -4.08 -10.14
C PRO A 350 -6.99 -5.32 -9.66
N PHE A 351 -7.66 -6.12 -8.84
CA PHE A 351 -7.11 -7.35 -8.29
C PHE A 351 -6.95 -8.39 -9.41
N GLY A 352 -5.76 -8.97 -9.49
CA GLY A 352 -5.47 -10.01 -10.48
C GLY A 352 -5.42 -9.50 -11.90
N SER A 353 -5.01 -8.24 -12.07
CA SER A 353 -5.05 -7.61 -13.39
C SER A 353 -4.12 -6.41 -13.45
N ASP A 354 -3.87 -5.98 -14.67
CA ASP A 354 -3.07 -4.79 -14.94
C ASP A 354 -4.00 -3.63 -15.23
N GLY A 355 -3.44 -2.43 -15.18
CA GLY A 355 -4.16 -1.20 -15.44
C GLY A 355 -3.28 -0.25 -16.21
N VAL A 356 -3.88 0.71 -16.89
CA VAL A 356 -3.13 1.61 -17.77
C VAL A 356 -3.33 3.06 -17.34
N PHE A 357 -2.25 3.83 -17.42
CA PHE A 357 -2.24 5.25 -17.14
C PHE A 357 -2.25 5.98 -18.47
N THR A 358 -3.12 6.97 -18.59
CA THR A 358 -3.02 8.00 -19.63
C THR A 358 -3.33 9.36 -18.96
N PRO A 359 -2.74 10.45 -19.50
CA PRO A 359 -3.06 11.79 -18.96
C PRO A 359 -4.55 12.16 -19.00
N GLU A 360 -5.25 11.67 -20.02
CA GLU A 360 -6.68 11.90 -20.18
C GLU A 360 -7.50 11.18 -19.11
N ALA A 361 -7.15 9.92 -18.84
CA ALA A 361 -7.80 9.15 -17.78
C ALA A 361 -7.54 9.75 -16.41
N PHE A 362 -6.33 10.28 -16.20
CA PHE A 362 -5.95 10.84 -14.91
C PHE A 362 -6.81 12.05 -14.55
N VAL A 363 -6.83 13.04 -15.44
CA VAL A 363 -7.63 14.25 -15.22
C VAL A 363 -9.13 13.95 -15.12
N GLU A 364 -9.62 13.02 -15.95
CA GLU A 364 -11.00 12.52 -15.85
C GLU A 364 -11.30 11.96 -14.46
N ARG A 365 -10.48 11.00 -14.04
CA ARG A 365 -10.60 10.37 -12.72
C ARG A 365 -10.50 11.41 -11.59
N THR A 366 -9.56 12.34 -11.71
CA THR A 366 -9.36 13.42 -10.72
C THR A 366 -10.57 14.36 -10.63
N ASN A 367 -10.97 14.90 -11.78
CA ASN A 367 -12.02 15.94 -11.82
C ASN A 367 -13.44 15.41 -11.57
N PHE A 368 -13.77 14.25 -12.14
CA PHE A 368 -15.14 13.72 -12.03
C PHE A 368 -15.44 13.11 -10.68
N ASP A 369 -14.48 12.33 -10.17
CA ASP A 369 -14.66 11.62 -8.90
C ASP A 369 -14.33 12.48 -7.69
N LEU A 370 -13.17 13.13 -7.68
CA LEU A 370 -12.75 13.92 -6.51
C LEU A 370 -13.39 15.32 -6.51
N ALA A 371 -13.05 16.14 -7.50
CA ALA A 371 -13.50 17.54 -7.53
C ALA A 371 -15.01 17.71 -7.73
N ASN A 372 -15.61 16.90 -8.59
CA ASN A 372 -17.05 16.99 -8.86
C ASN A 372 -17.87 16.18 -7.86
N ASP A 373 -17.80 14.85 -7.95
CA ASP A 373 -18.63 13.97 -7.11
C ASP A 373 -18.53 14.26 -5.60
N LEU A 374 -17.34 14.10 -5.02
CA LEU A 374 -17.14 14.36 -3.60
C LEU A 374 -17.07 15.87 -3.32
N GLY A 375 -16.29 16.57 -4.13
CA GLY A 375 -16.07 18.01 -3.97
C GLY A 375 -17.32 18.89 -4.04
N ASN A 376 -18.16 18.70 -5.06
CA ASN A 376 -19.42 19.46 -5.16
C ASN A 376 -20.39 19.06 -4.06
N LEU A 377 -20.46 17.77 -3.73
CA LEU A 377 -21.34 17.30 -2.66
C LEU A 377 -21.11 18.04 -1.35
N VAL A 378 -19.83 18.21 -0.98
CA VAL A 378 -19.48 18.90 0.27
C VAL A 378 -19.85 20.38 0.20
N ASN A 379 -19.51 21.04 -0.91
CA ASN A 379 -19.85 22.46 -1.11
C ASN A 379 -21.37 22.68 -1.15
N ARG A 380 -22.08 21.83 -1.88
CA ARG A 380 -23.54 21.89 -1.94
C ARG A 380 -24.18 21.79 -0.57
N THR A 381 -23.69 20.85 0.25
CA THR A 381 -24.23 20.60 1.58
C THR A 381 -23.95 21.76 2.54
N ILE A 382 -22.69 22.20 2.63
CA ILE A 382 -22.31 23.30 3.53
C ILE A 382 -22.98 24.64 3.13
N SER A 383 -23.11 24.90 1.82
CA SER A 383 -23.86 26.08 1.33
C SER A 383 -25.28 26.12 1.89
N MET A 384 -25.99 25.01 1.73
CA MET A 384 -27.39 24.90 2.14
C MET A 384 -27.60 25.01 3.65
N VAL A 385 -26.67 24.46 4.44
CA VAL A 385 -26.72 24.59 5.91
C VAL A 385 -26.53 26.06 6.29
N ASN A 386 -25.54 26.71 5.66
CA ASN A 386 -25.29 28.14 5.88
C ASN A 386 -26.42 29.06 5.40
N LYS A 387 -27.11 28.67 4.32
CA LYS A 387 -28.19 29.49 3.76
C LYS A 387 -29.52 29.29 4.50
N TYR A 388 -29.92 28.04 4.78
CA TYR A 388 -31.23 27.77 5.38
C TYR A 388 -31.28 27.82 6.91
N PHE A 389 -30.16 27.48 7.56
CA PHE A 389 -30.09 27.45 9.04
C PHE A 389 -29.00 28.34 9.64
N ASP A 390 -28.44 29.25 8.83
CA ASP A 390 -27.33 30.15 9.25
C ASP A 390 -26.10 29.40 9.79
N GLY A 391 -25.85 28.20 9.28
CA GLY A 391 -24.68 27.41 9.65
C GLY A 391 -24.88 26.42 10.78
N GLU A 392 -26.08 26.37 11.35
CA GLU A 392 -26.41 25.42 12.42
C GLU A 392 -27.02 24.16 11.82
N LEU A 393 -26.23 23.09 11.80
CA LEU A 393 -26.68 21.79 11.32
C LEU A 393 -27.66 21.22 12.35
N PRO A 394 -28.93 21.00 11.95
CA PRO A 394 -29.85 20.38 12.90
C PRO A 394 -29.45 18.95 13.25
N ALA A 395 -29.72 18.57 14.49
CA ALA A 395 -29.35 17.25 14.99
C ALA A 395 -30.12 16.15 14.28
N TYR A 396 -29.45 15.02 14.07
CA TYR A 396 -30.07 13.83 13.52
C TYR A 396 -31.10 13.28 14.50
N GLN A 397 -32.31 13.03 14.01
CA GLN A 397 -33.41 12.48 14.81
C GLN A 397 -33.76 11.04 14.44
N GLY A 398 -33.68 10.71 13.16
CA GLY A 398 -34.05 9.39 12.64
C GLY A 398 -34.36 9.48 11.16
N PRO A 399 -34.72 8.35 10.52
CA PRO A 399 -35.04 8.35 9.10
C PRO A 399 -36.43 8.98 8.82
N LEU A 400 -36.49 10.31 8.87
CA LEU A 400 -37.76 11.06 8.72
C LEU A 400 -38.31 11.02 7.30
N HIS A 401 -37.45 11.19 6.30
CA HIS A 401 -37.86 11.22 4.90
C HIS A 401 -38.04 9.78 4.41
N GLU A 402 -38.90 9.59 3.40
CA GLU A 402 -39.25 8.25 2.90
C GLU A 402 -38.08 7.47 2.28
N LEU A 403 -37.09 8.18 1.72
CA LEU A 403 -35.90 7.56 1.12
C LEU A 403 -34.82 7.22 2.16
N ASP A 404 -34.96 7.72 3.39
CA ASP A 404 -33.92 7.58 4.41
C ASP A 404 -33.70 6.14 4.87
N GLU A 405 -34.76 5.34 4.92
CA GLU A 405 -34.65 3.96 5.39
C GLU A 405 -33.67 3.16 4.53
N GLU A 406 -33.83 3.23 3.21
CA GLU A 406 -32.94 2.54 2.28
C GLU A 406 -31.56 3.18 2.11
N MET A 407 -31.48 4.49 2.27
CA MET A 407 -30.20 5.19 2.18
C MET A 407 -29.33 4.89 3.39
N GLU A 408 -29.95 4.84 4.57
CA GLU A 408 -29.25 4.45 5.81
C GLU A 408 -28.76 3.01 5.74
N ALA A 409 -29.60 2.12 5.21
CA ALA A 409 -29.21 0.74 4.98
C ALA A 409 -28.08 0.63 3.95
N MET A 410 -28.17 1.44 2.89
CA MET A 410 -27.11 1.51 1.86
C MET A 410 -25.76 1.92 2.45
N ALA A 411 -25.79 2.88 3.38
CA ALA A 411 -24.58 3.33 4.09
C ALA A 411 -23.89 2.19 4.83
N LEU A 412 -24.69 1.37 5.51
CA LEU A 412 -24.17 0.23 6.26
C LEU A 412 -23.77 -0.92 5.34
N GLU A 413 -24.49 -1.09 4.23
CA GLU A 413 -24.10 -2.05 3.18
C GLU A 413 -22.81 -1.62 2.47
N THR A 414 -22.61 -0.31 2.33
CA THR A 414 -21.39 0.25 1.76
C THR A 414 -20.17 -0.08 2.63
N VAL A 415 -20.32 0.11 3.95
CA VAL A 415 -19.25 -0.21 4.92
C VAL A 415 -18.91 -1.69 4.91
N LYS A 416 -19.93 -2.54 4.90
CA LYS A 416 -19.76 -3.99 4.94
C LYS A 416 -19.07 -4.52 3.67
N SER A 417 -19.54 -4.04 2.51
CA SER A 417 -18.96 -4.39 1.22
C SER A 417 -17.52 -3.84 1.04
N TYR A 418 -17.32 -2.60 1.47
CA TYR A 418 -15.99 -2.00 1.57
C TYR A 418 -15.04 -2.90 2.36
N THR A 419 -15.50 -3.34 3.54
CA THR A 419 -14.72 -4.23 4.40
C THR A 419 -14.32 -5.50 3.67
N GLU A 420 -15.26 -6.14 2.99
CA GLU A 420 -14.97 -7.40 2.25
C GLU A 420 -13.93 -7.18 1.14
N SER A 421 -14.06 -6.09 0.40
CA SER A 421 -13.12 -5.72 -0.66
C SER A 421 -11.71 -5.46 -0.12
N MET A 422 -11.63 -4.72 0.97
CA MET A 422 -10.35 -4.41 1.62
C MET A 422 -9.67 -5.64 2.21
N GLU A 423 -10.45 -6.52 2.82
CA GLU A 423 -9.91 -7.77 3.39
C GLU A 423 -9.45 -8.76 2.31
N SER A 424 -10.04 -8.68 1.11
CA SER A 424 -9.63 -9.53 -0.03
C SER A 424 -8.70 -8.84 -1.04
N LEU A 425 -8.11 -7.69 -0.65
CA LEU A 425 -7.15 -6.93 -1.46
C LEU A 425 -7.73 -6.33 -2.76
N GLN A 426 -9.05 -6.12 -2.79
CA GLN A 426 -9.76 -5.56 -3.94
C GLN A 426 -9.99 -4.07 -3.74
N PHE A 427 -8.92 -3.30 -3.93
CA PHE A 427 -8.90 -1.88 -3.59
C PHE A 427 -9.74 -1.01 -4.52
N SER A 428 -9.66 -1.29 -5.82
CA SER A 428 -10.47 -0.59 -6.82
C SER A 428 -11.96 -0.85 -6.64
N VAL A 429 -12.32 -2.06 -6.20
CA VAL A 429 -13.74 -2.39 -5.92
C VAL A 429 -14.22 -1.69 -4.64
N ALA A 430 -13.34 -1.55 -3.66
CA ALA A 430 -13.65 -0.82 -2.42
C ALA A 430 -13.93 0.65 -2.70
N LEU A 431 -13.04 1.28 -3.47
CA LEU A 431 -13.21 2.67 -3.86
C LEU A 431 -14.45 2.91 -4.71
N SER A 432 -14.69 2.05 -5.70
CA SER A 432 -15.85 2.21 -6.59
C SER A 432 -17.16 2.10 -5.80
N THR A 433 -17.21 1.20 -4.83
CA THR A 433 -18.34 1.04 -3.91
C THR A 433 -18.59 2.30 -3.03
N VAL A 434 -17.53 2.93 -2.56
CA VAL A 434 -17.64 4.21 -1.84
C VAL A 434 -18.20 5.31 -2.76
N TRP A 435 -17.80 5.30 -4.03
CA TRP A 435 -18.31 6.29 -4.99
C TRP A 435 -19.78 6.14 -5.38
N LYS A 436 -20.29 4.90 -5.37
CA LYS A 436 -21.73 4.64 -5.55
C LYS A 436 -22.52 5.33 -4.44
N PHE A 437 -21.98 5.26 -3.21
CA PHE A 437 -22.57 5.95 -2.07
C PHE A 437 -22.46 7.48 -2.18
N ILE A 438 -21.33 7.97 -2.65
CA ILE A 438 -21.14 9.41 -2.89
C ILE A 438 -22.11 9.90 -3.98
N SER A 439 -22.20 9.16 -5.08
CA SER A 439 -23.14 9.46 -6.18
C SER A 439 -24.58 9.52 -5.71
N ARG A 440 -24.99 8.53 -4.92
CA ARG A 440 -26.35 8.43 -4.39
C ARG A 440 -26.67 9.60 -3.46
N THR A 441 -25.67 10.10 -2.73
CA THR A 441 -25.82 11.26 -1.85
C THR A 441 -26.07 12.56 -2.64
N ASN A 442 -25.34 12.75 -3.74
CA ASN A 442 -25.62 13.84 -4.68
C ASN A 442 -27.03 13.72 -5.28
N LYS A 443 -27.39 12.52 -5.69
CA LYS A 443 -28.73 12.20 -6.20
C LYS A 443 -29.83 12.46 -5.14
N TYR A 444 -29.53 12.19 -3.87
CA TYR A 444 -30.44 12.48 -2.75
C TYR A 444 -30.76 13.97 -2.60
N ILE A 445 -29.81 14.84 -2.97
CA ILE A 445 -30.07 16.29 -3.06
C ILE A 445 -31.08 16.58 -4.16
N ASP A 446 -30.90 15.95 -5.33
CA ASP A 446 -31.79 16.15 -6.49
C ASP A 446 -33.20 15.62 -6.23
N GLU A 447 -33.31 14.47 -5.57
CA GLU A 447 -34.62 13.90 -5.22
C GLU A 447 -35.37 14.71 -4.17
N THR A 448 -34.68 15.15 -3.12
CA THR A 448 -35.31 15.86 -1.99
C THR A 448 -35.61 17.33 -2.26
N THR A 449 -34.81 17.95 -3.14
CA THR A 449 -34.96 19.37 -3.49
C THR A 449 -35.07 20.28 -2.24
N PRO A 450 -33.99 20.39 -1.45
CA PRO A 450 -34.03 21.17 -0.19
C PRO A 450 -34.43 22.65 -0.34
N TRP A 451 -34.16 23.25 -1.49
CA TRP A 451 -34.53 24.64 -1.80
C TRP A 451 -36.05 24.86 -1.85
N VAL A 452 -36.78 23.87 -2.35
CA VAL A 452 -38.26 23.88 -2.34
C VAL A 452 -38.76 23.76 -0.90
N LEU A 453 -38.20 22.83 -0.13
CA LEU A 453 -38.55 22.63 1.28
C LEU A 453 -38.31 23.87 2.14
N ALA A 454 -37.25 24.63 1.82
CA ALA A 454 -36.88 25.85 2.57
C ALA A 454 -37.88 27.00 2.45
N LYS A 455 -38.76 26.96 1.45
CA LYS A 455 -39.83 27.96 1.26
C LYS A 455 -41.05 27.71 2.14
N ASP A 456 -41.25 26.47 2.57
CA ASP A 456 -42.33 26.11 3.48
C ASP A 456 -41.76 26.01 4.90
N ASP A 457 -42.29 26.82 5.81
CA ASP A 457 -41.87 26.79 7.22
C ASP A 457 -42.39 25.54 7.93
N SER A 458 -43.50 24.98 7.45
CA SER A 458 -44.04 23.71 7.97
C SER A 458 -43.10 22.53 7.76
N GLN A 459 -42.22 22.62 6.75
CA GLN A 459 -41.24 21.58 6.40
C GLN A 459 -39.81 21.90 6.88
N LYS A 460 -39.66 22.70 7.93
CA LYS A 460 -38.33 23.02 8.48
C LYS A 460 -37.68 21.78 9.11
N ASP A 461 -38.47 20.98 9.83
CA ASP A 461 -37.98 19.73 10.43
C ASP A 461 -37.50 18.73 9.38
N MET A 462 -38.29 18.54 8.34
CA MET A 462 -37.92 17.64 7.25
C MET A 462 -36.66 18.12 6.52
N LEU A 463 -36.56 19.44 6.34
CA LEU A 463 -35.38 20.05 5.71
C LEU A 463 -34.13 19.84 6.57
N GLY A 464 -34.29 19.95 7.89
CA GLY A 464 -33.21 19.66 8.82
C GLY A 464 -32.77 18.20 8.80
N ASN A 465 -33.73 17.30 8.63
CA ASN A 465 -33.46 15.87 8.43
C ASN A 465 -32.63 15.60 7.18
N VAL A 466 -32.93 16.32 6.09
CA VAL A 466 -32.21 16.16 4.83
C VAL A 466 -30.77 16.66 4.97
N MET A 467 -30.57 17.79 5.63
CA MET A 467 -29.23 18.31 5.92
C MET A 467 -28.42 17.31 6.75
N ALA A 468 -29.04 16.76 7.79
CA ALA A 468 -28.40 15.77 8.68
C ALA A 468 -27.96 14.51 7.93
N HIS A 469 -28.81 14.02 7.04
CA HIS A 469 -28.49 12.84 6.24
C HIS A 469 -27.37 13.06 5.22
N LEU A 470 -27.27 14.28 4.68
CA LEU A 470 -26.14 14.62 3.81
C LEU A 470 -24.83 14.63 4.58
N VAL A 471 -24.82 15.27 5.75
CA VAL A 471 -23.59 15.36 6.57
C VAL A 471 -23.14 13.99 7.06
N GLU A 472 -24.11 13.13 7.44
CA GLU A 472 -23.78 11.77 7.89
C GLU A 472 -23.30 10.90 6.73
N ASN A 473 -23.94 11.00 5.56
CA ASN A 473 -23.45 10.35 4.33
C ASN A 473 -22.02 10.78 4.01
N ILE A 474 -21.76 12.08 4.12
CA ILE A 474 -20.42 12.63 3.89
C ILE A 474 -19.42 12.06 4.91
N ARG A 475 -19.85 12.00 6.17
CA ARG A 475 -19.03 11.47 7.25
C ARG A 475 -18.64 10.02 7.01
N TYR A 476 -19.60 9.21 6.57
CA TYR A 476 -19.35 7.80 6.26
C TYR A 476 -18.26 7.68 5.19
N ALA A 477 -18.37 8.48 4.13
CA ALA A 477 -17.40 8.49 3.04
C ALA A 477 -16.01 8.95 3.50
N ALA A 478 -15.96 10.01 4.31
CA ALA A 478 -14.69 10.54 4.81
C ALA A 478 -13.94 9.54 5.70
N VAL A 479 -14.64 8.83 6.58
CA VAL A 479 -14.02 7.77 7.41
C VAL A 479 -13.49 6.65 6.51
N LEU A 480 -14.31 6.22 5.56
CA LEU A 480 -13.93 5.13 4.64
C LEU A 480 -12.79 5.47 3.68
N LEU A 481 -12.60 6.76 3.37
CA LEU A 481 -11.53 7.21 2.50
C LEU A 481 -10.21 7.52 3.22
N ARG A 482 -10.20 7.46 4.56
CA ARG A 482 -9.00 7.78 5.35
C ARG A 482 -7.74 6.96 5.04
N PRO A 483 -7.89 5.64 4.78
CA PRO A 483 -6.73 4.87 4.33
C PRO A 483 -6.15 5.28 2.96
N PHE A 484 -7.02 5.77 2.07
CA PHE A 484 -6.64 6.14 0.70
C PHE A 484 -6.18 7.58 0.56
N LEU A 485 -6.96 8.52 1.10
CA LEU A 485 -6.73 9.95 0.96
C LEU A 485 -6.35 10.57 2.31
N THR A 486 -5.25 11.31 2.35
CA THR A 486 -4.70 11.86 3.61
C THR A 486 -5.02 13.35 3.88
N HIS A 487 -5.55 14.06 2.88
CA HIS A 487 -5.88 15.49 3.00
C HIS A 487 -7.39 15.74 3.03
N ALA A 488 -8.12 15.17 2.08
CA ALA A 488 -9.54 15.46 1.88
C ALA A 488 -10.45 15.12 3.08
N PRO A 489 -10.30 13.92 3.68
CA PRO A 489 -11.15 13.60 4.85
C PRO A 489 -10.94 14.56 6.01
N LYS A 490 -9.68 14.82 6.34
CA LYS A 490 -9.29 15.79 7.37
C LYS A 490 -9.85 17.19 7.06
N GLU A 491 -9.77 17.61 5.80
CA GLU A 491 -10.36 18.87 5.36
C GLU A 491 -11.90 18.88 5.52
N ILE A 492 -12.53 17.75 5.20
CA ILE A 492 -13.99 17.58 5.36
C ILE A 492 -14.41 17.59 6.83
N PHE A 493 -13.65 16.89 7.67
CA PHE A 493 -13.93 16.86 9.12
C PHE A 493 -13.81 18.25 9.75
N GLU A 494 -12.77 19.00 9.37
CA GLU A 494 -12.57 20.36 9.88
C GLU A 494 -13.65 21.34 9.41
N GLN A 495 -14.06 21.25 8.14
CA GLN A 495 -15.10 22.14 7.59
C GLN A 495 -16.50 21.87 8.16
N LEU A 496 -16.83 20.61 8.40
CA LEU A 496 -18.10 20.24 9.04
C LEU A 496 -18.06 20.44 10.56
N ASN A 497 -16.86 20.66 11.11
CA ASN A 497 -16.65 20.93 12.54
C ASN A 497 -16.85 19.65 13.36
N ILE A 498 -16.11 18.63 12.93
CA ILE A 498 -15.95 17.37 13.66
C ILE A 498 -14.50 17.40 14.15
N ASN A 499 -14.31 17.88 15.39
CA ASN A 499 -12.99 17.93 16.02
C ASN A 499 -12.69 16.62 16.74
N ASN A 500 -13.69 16.12 17.47
CA ASN A 500 -13.60 14.84 18.20
C ASN A 500 -13.19 13.70 17.23
N PRO A 501 -12.06 13.00 17.51
CA PRO A 501 -11.62 11.89 16.67
C PRO A 501 -12.47 10.62 16.79
N GLN A 502 -13.41 10.59 17.74
CA GLN A 502 -14.39 9.50 17.83
C GLN A 502 -15.34 9.44 16.63
N PHE A 503 -15.52 10.57 15.95
CA PHE A 503 -16.30 10.62 14.70
C PHE A 503 -15.55 10.14 13.46
N MET A 504 -14.24 9.93 13.57
CA MET A 504 -13.38 9.62 12.42
C MET A 504 -12.99 8.15 12.33
N GLU A 505 -13.44 7.32 13.28
CA GLU A 505 -13.05 5.91 13.35
C GLU A 505 -14.09 4.98 12.76
N PHE A 506 -13.67 3.75 12.45
CA PHE A 506 -14.53 2.74 11.83
C PHE A 506 -15.71 2.34 12.71
N SER A 507 -15.49 2.24 14.01
CA SER A 507 -16.55 1.85 14.96
C SER A 507 -17.70 2.88 15.04
N SER A 508 -17.43 4.13 14.67
CA SER A 508 -18.48 5.14 14.57
C SER A 508 -19.47 4.95 13.40
N LEU A 509 -19.17 4.04 12.48
CA LEU A 509 -20.05 3.73 11.34
C LEU A 509 -21.00 2.54 11.57
N GLU A 510 -20.99 1.96 12.78
CA GLU A 510 -21.83 0.80 13.09
C GLU A 510 -23.31 1.14 13.13
N GLN A 511 -23.64 2.33 13.64
CA GLN A 511 -25.02 2.79 13.71
C GLN A 511 -25.12 4.17 13.06
N TYR A 512 -26.04 4.30 12.09
CA TYR A 512 -26.22 5.53 11.34
C TYR A 512 -26.81 6.64 12.21
N GLY A 513 -26.27 7.84 12.05
CA GLY A 513 -26.79 9.05 12.68
C GLY A 513 -26.24 9.27 14.07
N VAL A 514 -24.97 9.58 14.13
CA VAL A 514 -24.27 9.85 15.35
C VAL A 514 -24.35 11.26 15.89
N LEU A 515 -24.79 12.21 15.12
CA LEU A 515 -24.84 13.59 15.57
C LEU A 515 -26.18 14.02 16.09
N ASN A 516 -26.45 13.82 17.36
CA ASN A 516 -27.74 14.19 17.91
C ASN A 516 -27.83 15.48 18.53
N GLU A 517 -26.74 16.17 18.50
CA GLU A 517 -26.79 17.49 18.93
C GLU A 517 -26.55 18.34 17.73
N SER A 518 -27.08 19.51 17.82
CA SER A 518 -26.85 20.50 16.77
C SER A 518 -25.40 20.99 16.87
N ILE A 519 -24.76 21.18 15.71
CA ILE A 519 -23.40 21.71 15.64
C ILE A 519 -23.34 22.81 14.58
N MET A 520 -22.31 23.65 14.66
CA MET A 520 -22.11 24.73 13.70
C MET A 520 -21.06 24.33 12.67
N VAL A 521 -21.45 24.34 11.39
CA VAL A 521 -20.48 24.12 10.30
C VAL A 521 -19.67 25.39 10.03
N THR A 522 -18.68 25.28 9.15
CA THR A 522 -17.90 26.44 8.70
C THR A 522 -18.76 27.49 7.99
N GLY A 523 -18.52 28.75 8.32
CA GLY A 523 -19.15 29.88 7.63
C GLY A 523 -18.44 30.26 6.34
N GLN A 524 -17.17 29.86 6.22
CA GLN A 524 -16.35 30.17 5.05
C GLN A 524 -15.79 28.87 4.43
N PRO A 525 -16.65 28.13 3.70
CA PRO A 525 -16.18 26.92 3.01
C PRO A 525 -15.15 27.18 1.90
N LYS A 526 -14.35 26.16 1.62
CA LYS A 526 -13.36 26.22 0.54
C LYS A 526 -13.37 24.90 -0.23
N PRO A 527 -12.78 24.88 -1.45
CA PRO A 527 -12.66 23.61 -2.18
C PRO A 527 -11.75 22.63 -1.45
N ILE A 528 -12.11 21.35 -1.50
CA ILE A 528 -11.40 20.31 -0.76
C ILE A 528 -10.17 19.87 -1.54
N PHE A 529 -10.28 19.89 -2.87
CA PHE A 529 -9.21 19.52 -3.79
C PHE A 529 -8.68 20.77 -4.51
N PRO A 530 -7.43 20.77 -4.97
CA PRO A 530 -6.48 19.65 -4.87
C PRO A 530 -5.85 19.50 -3.49
#